data_4ZPR
#
_entry.id   4ZPR
#
_cell.length_a   66.735
_cell.length_b   66.735
_cell.length_c   243.644
_cell.angle_alpha   90.000
_cell.angle_beta   90.000
_cell.angle_gamma   90.000
#
_symmetry.space_group_name_H-M   'P 43'
#
loop_
_entity.id
_entity.type
_entity.pdbx_description
1 polymer 'Aryl hydrocarbon receptor nuclear translocator'
2 polymer 'Hypoxia-inducible factor 1-alpha'
3 polymer "DNA (5'-D(*GP*GP*CP*TP*GP*CP*GP*TP*AP*CP*GP*TP*GP*CP*GP*GP*GP*TP*CP*GP*T)-3')"
4 polymer "DNA (5'-D(*CP*AP*CP*GP*AP*CP*CP*CP*GP*CP*AP*CP*GP*TP*AP*CP*GP*CP*AP*GP*C)-3')"
#
loop_
_entity_poly.entity_id
_entity_poly.type
_entity_poly.pdbx_seq_one_letter_code
_entity_poly.pdbx_strand_id
1 'polypeptide(L)'
;MSSADKERLARENHSEIERRRRNKMTAYITELSDMVPTCSALARKPDKLTILRMAVSHMKSLRGTGNTSTDGSYKPSFLT
DQELKHLILEAADGFLFIVSCETGRVVYVSDSVTPVLNQPQSEWFGSTLYDQVHPDDVDKLREQLSTSENALTGRVLDLK
TGTVKKEGQQSSMRMCMGSRRSFICRMRCGTSSVDPVSMNRLSFLRNRCRNGLGSVKEGEPHFVVVHCTGYIKAWPPAGV
SLPDDDPEAGQGSKFCLVAIGRLQVTSSPNCTDMSNICQPTEFISRHNIEGIFTFVDHRCVATVGYQPQELLGKNIVEFC
HPEDQQLLRDSFQQVVKLKGQVLSVMFRFRSKTREWLWMRTSSFTFQNPYSDEIEYIICTNTNV
;
A
2 'polypeptide(L)'
;MSSERRKEKSRDAARSRRSKESEVFYELAHQLPLPHNVSSHLDKASVMRLTISYLRVRKLLDAGGLDSEDEMKAQMDCFY
LKALDGFVMVLTDDGDMVYISDNVNKYMGLTQFELTGHSVFDFTHPCDHEEMREMLTHRNGPVRKGKELNTQRSFFLRMK
CTLTSRGRTMNIKSATWKVLHCTGHIHVYDTNSNQPQCGYKKPPMTCLVLICEPIPHPSNIEIPLDSKTFLSRHSLDMKF
SYCDERITELMGYEPEELLGRSIYEYYHALDSDHLTKTHHDMFTKGQVTTGQYRMLAKRGGYVWVETQATVIYNTKNSQP
QCIVCVNYVVSGIIQHDLIFSLQQT
;
B
3 'polydeoxyribonucleotide'
;(DG)(DG)(DC)(DT)(DG)(DC)(DG)(DT)(DA)(DC)(DG)(DT)(DG)(DC)(DG)(DG)(DG)(DT)(DC)(DG)
(DT)
;
C
4 'polydeoxyribonucleotide'
;(DC)(DA)(DC)(DG)(DA)(DC)(DC)(DC)(DG)(DC)(DA)(DC)(DG)(DT)(DA)(DC)(DG)(DC)(DA)(DG)
(DC)
;
D
#
loop_
_chem_comp.id
_chem_comp.type
_chem_comp.name
_chem_comp.formula
DA DNA linking 2'-DEOXYADENOSINE-5'-MONOPHOSPHATE 'C10 H14 N5 O6 P'
DC DNA linking 2'-DEOXYCYTIDINE-5'-MONOPHOSPHATE 'C9 H14 N3 O7 P'
DG DNA linking 2'-DEOXYGUANOSINE-5'-MONOPHOSPHATE 'C10 H14 N5 O7 P'
DT DNA linking THYMIDINE-5'-MONOPHOSPHATE 'C10 H15 N2 O8 P'
#
# COMPACT_ATOMS: atom_id res chain seq x y z
N GLU A 7 -23.27 29.91 27.92
CA GLU A 7 -24.63 29.72 27.43
C GLU A 7 -24.79 30.19 25.99
N ARG A 8 -24.44 31.44 25.74
CA ARG A 8 -24.46 32.00 24.39
C ARG A 8 -23.60 31.15 23.44
N LEU A 9 -22.49 30.65 23.98
CA LEU A 9 -21.57 29.79 23.24
C LEU A 9 -22.26 28.58 22.62
N ALA A 10 -22.96 27.82 23.46
CA ALA A 10 -23.68 26.64 23.01
C ALA A 10 -24.73 27.00 21.95
N ARG A 11 -25.33 28.18 22.07
CA ARG A 11 -26.37 28.65 21.16
C ARG A 11 -25.83 28.93 19.75
N GLU A 12 -24.77 29.72 19.66
CA GLU A 12 -24.23 30.07 18.35
C GLU A 12 -23.42 28.92 17.72
N ASN A 13 -22.85 28.06 18.57
CA ASN A 13 -22.27 26.83 18.08
C ASN A 13 -23.36 25.92 17.50
N HIS A 14 -24.52 25.91 18.17
CA HIS A 14 -25.70 25.18 17.68
C HIS A 14 -26.11 25.67 16.29
N SER A 15 -26.26 27.00 16.16
CA SER A 15 -26.61 27.59 14.86
C SER A 15 -25.59 27.23 13.77
N GLU A 16 -24.30 27.41 14.07
CA GLU A 16 -23.23 27.06 13.11
C GLU A 16 -23.28 25.58 12.67
N ILE A 17 -23.27 24.67 13.64
CA ILE A 17 -23.24 23.23 13.36
C ILE A 17 -24.47 22.79 12.56
N GLU A 18 -25.63 23.32 12.92
CA GLU A 18 -26.84 22.97 12.19
C GLU A 18 -26.80 23.54 10.78
N ARG A 19 -26.18 24.70 10.62
CA ARG A 19 -25.94 25.23 9.29
C ARG A 19 -25.12 24.24 8.46
N ARG A 20 -24.01 23.76 9.04
CA ARG A 20 -23.12 22.84 8.33
C ARG A 20 -23.83 21.55 7.95
N ARG A 21 -24.65 21.04 8.87
CA ARG A 21 -25.40 19.82 8.63
C ARG A 21 -26.46 20.01 7.52
N ARG A 22 -27.18 21.12 7.59
CA ARG A 22 -28.16 21.45 6.57
C ARG A 22 -27.51 21.54 5.21
N ASN A 23 -26.47 22.35 5.12
CA ASN A 23 -25.77 22.57 3.86
C ASN A 23 -25.12 21.31 3.30
N LYS A 24 -24.68 20.41 4.18
CA LYS A 24 -24.14 19.15 3.70
C LYS A 24 -25.27 18.26 3.19
N MET A 25 -26.47 18.42 3.77
CA MET A 25 -27.61 17.67 3.27
C MET A 25 -28.08 18.24 1.92
N THR A 26 -27.78 19.52 1.69
CA THR A 26 -28.11 20.15 0.40
C THR A 26 -27.07 19.81 -0.66
N ALA A 27 -25.82 19.66 -0.25
CA ALA A 27 -24.79 19.22 -1.18
C ALA A 27 -25.04 17.76 -1.56
N TYR A 28 -25.40 16.94 -0.57
CA TYR A 28 -25.86 15.58 -0.84
C TYR A 28 -27.05 15.63 -1.80
N ILE A 29 -27.92 16.62 -1.58
CA ILE A 29 -29.11 16.77 -2.42
C ILE A 29 -28.75 17.10 -3.87
N THR A 30 -27.75 17.93 -4.08
CA THR A 30 -27.34 18.29 -5.45
C THR A 30 -26.63 17.12 -6.13
N GLU A 31 -25.66 16.54 -5.44
CA GLU A 31 -24.93 15.37 -5.94
C GLU A 31 -25.92 14.29 -6.37
N LEU A 32 -26.91 14.02 -5.52
CA LEU A 32 -27.95 13.05 -5.85
C LEU A 32 -28.83 13.55 -7.01
N SER A 33 -29.07 14.84 -7.04
CA SER A 33 -29.92 15.45 -8.07
C SER A 33 -29.37 15.23 -9.47
N ASP A 34 -28.07 15.39 -9.62
CA ASP A 34 -27.43 15.19 -10.92
C ASP A 34 -27.06 13.72 -11.16
N MET A 35 -26.88 12.95 -10.09
CA MET A 35 -26.54 11.54 -10.23
C MET A 35 -27.69 10.76 -10.86
N VAL A 36 -28.91 11.07 -10.45
CA VAL A 36 -30.10 10.46 -11.03
C VAL A 36 -30.42 11.09 -12.39
N PRO A 37 -30.99 10.30 -13.29
CA PRO A 37 -31.27 10.76 -14.66
C PRO A 37 -32.25 11.93 -14.91
N THR A 38 -33.35 12.02 -14.18
CA THR A 38 -34.35 13.08 -14.43
C THR A 38 -34.00 14.14 -13.43
N ALA A 41 -31.02 16.03 -16.02
CA ALA A 41 -31.44 16.08 -17.42
C ALA A 41 -32.51 17.14 -17.65
N LEU A 42 -33.32 17.40 -16.61
CA LEU A 42 -34.40 18.36 -16.70
C LEU A 42 -33.90 19.78 -16.95
N ALA A 43 -34.84 20.66 -17.31
CA ALA A 43 -34.55 22.03 -17.70
C ALA A 43 -33.63 22.72 -16.69
N ARG A 44 -34.10 22.85 -15.45
CA ARG A 44 -33.27 23.37 -14.38
C ARG A 44 -33.88 23.12 -13.00
N LYS A 45 -33.10 22.42 -12.18
CA LYS A 45 -33.31 22.27 -10.74
C LYS A 45 -34.59 22.11 -9.94
N PRO A 46 -35.34 21.05 -10.11
CA PRO A 46 -36.56 20.88 -9.33
C PRO A 46 -36.40 21.02 -7.82
N ASP A 47 -37.50 21.08 -7.09
CA ASP A 47 -37.45 21.16 -5.62
C ASP A 47 -36.91 19.87 -5.05
N LYS A 48 -36.54 19.88 -3.77
CA LYS A 48 -35.89 18.71 -3.17
C LYS A 48 -36.85 17.51 -3.02
N LEU A 49 -38.13 17.78 -2.79
CA LEU A 49 -39.10 16.70 -2.62
C LEU A 49 -39.22 15.90 -3.90
N THR A 50 -39.43 16.60 -5.01
CA THR A 50 -39.56 15.96 -6.30
C THR A 50 -38.28 15.20 -6.67
N ILE A 51 -37.14 15.82 -6.41
CA ILE A 51 -35.83 15.18 -6.58
C ILE A 51 -35.77 13.84 -5.85
N LEU A 52 -36.24 13.83 -4.61
CA LEU A 52 -36.27 12.60 -3.83
C LEU A 52 -37.24 11.56 -4.42
N ARG A 53 -38.44 12.01 -4.82
CA ARG A 53 -39.42 11.12 -5.43
C ARG A 53 -38.87 10.43 -6.67
N MET A 54 -38.15 11.21 -7.47
CA MET A 54 -37.50 10.68 -8.66
C MET A 54 -36.34 9.75 -8.28
N ALA A 55 -35.70 10.03 -7.15
CA ALA A 55 -34.59 9.20 -6.68
C ALA A 55 -35.07 7.81 -6.33
N VAL A 56 -36.18 7.73 -5.61
CA VAL A 56 -36.71 6.43 -5.22
C VAL A 56 -37.44 5.76 -6.38
N SER A 57 -38.04 6.54 -7.27
CA SER A 57 -38.69 5.99 -8.47
C SER A 57 -37.65 5.34 -9.37
N HIS A 58 -36.50 5.97 -9.46
CA HIS A 58 -35.36 5.42 -10.19
C HIS A 58 -34.83 4.19 -9.47
N MET A 59 -34.72 4.30 -8.14
CA MET A 59 -34.14 3.24 -7.32
C MET A 59 -35.00 1.97 -7.25
N LYS A 60 -36.24 2.07 -7.72
CA LYS A 60 -37.11 0.90 -7.80
C LYS A 60 -36.69 -0.01 -8.95
N SER A 61 -35.88 0.53 -9.86
CA SER A 61 -35.35 -0.25 -10.98
C SER A 61 -34.23 -1.16 -10.51
N LEU A 62 -34.59 -2.33 -10.01
CA LEU A 62 -33.63 -3.29 -9.48
C LEU A 62 -33.75 -4.65 -10.14
N THR A 80 -23.21 -7.70 -5.83
CA THR A 80 -23.16 -9.10 -6.24
C THR A 80 -21.71 -9.61 -6.26
N ASP A 81 -21.56 -10.92 -6.18
CA ASP A 81 -20.24 -11.54 -5.99
C ASP A 81 -19.33 -11.52 -7.22
N GLN A 82 -19.89 -11.73 -8.40
CA GLN A 82 -19.07 -11.83 -9.60
C GLN A 82 -18.46 -10.48 -9.98
N GLU A 83 -19.18 -9.40 -9.70
CA GLU A 83 -18.65 -8.07 -9.98
C GLU A 83 -17.48 -7.82 -9.04
N LEU A 84 -17.59 -8.34 -7.83
CA LEU A 84 -16.52 -8.27 -6.85
C LEU A 84 -15.30 -9.04 -7.32
N LYS A 85 -15.55 -10.22 -7.88
CA LYS A 85 -14.51 -11.02 -8.52
C LYS A 85 -13.77 -10.21 -9.59
N HIS A 86 -14.53 -9.62 -10.51
CA HIS A 86 -13.96 -8.73 -11.52
C HIS A 86 -13.08 -7.65 -10.88
N LEU A 87 -13.63 -7.02 -9.83
CA LEU A 87 -12.96 -5.96 -9.11
C LEU A 87 -11.59 -6.39 -8.58
N ILE A 88 -11.56 -7.52 -7.90
CA ILE A 88 -10.32 -8.08 -7.37
C ILE A 88 -9.33 -8.35 -8.50
N LEU A 89 -9.82 -8.92 -9.62
CA LEU A 89 -8.96 -9.21 -10.77
C LEU A 89 -8.27 -7.95 -11.27
N GLU A 90 -9.06 -6.89 -11.47
CA GLU A 90 -8.54 -5.64 -11.99
C GLU A 90 -7.86 -4.81 -10.90
N ALA A 91 -7.79 -5.38 -9.70
CA ALA A 91 -7.09 -4.71 -8.60
C ALA A 91 -5.79 -5.41 -8.23
N ALA A 92 -5.62 -6.65 -8.69
CA ALA A 92 -4.46 -7.45 -8.25
C ALA A 92 -3.65 -8.06 -9.39
N ASP A 93 -4.31 -8.35 -10.52
CA ASP A 93 -3.72 -9.12 -11.60
C ASP A 93 -3.25 -10.50 -11.09
N GLY A 94 -4.18 -11.25 -10.51
CA GLY A 94 -3.88 -12.56 -9.97
C GLY A 94 -5.00 -13.55 -10.24
N PHE A 95 -5.10 -14.59 -9.41
CA PHE A 95 -6.13 -15.60 -9.61
C PHE A 95 -6.37 -16.48 -8.39
N LEU A 96 -7.31 -17.40 -8.55
CA LEU A 96 -7.80 -18.25 -7.47
C LEU A 96 -7.45 -19.73 -7.72
N PHE A 97 -7.30 -20.50 -6.66
CA PHE A 97 -7.11 -21.95 -6.80
C PHE A 97 -7.49 -22.72 -5.54
N ILE A 98 -8.36 -23.71 -5.73
CA ILE A 98 -8.76 -24.64 -4.68
C ILE A 98 -7.95 -25.93 -4.79
N VAL A 99 -7.15 -26.19 -3.75
CA VAL A 99 -6.18 -27.28 -3.74
C VAL A 99 -6.44 -28.29 -2.61
N SER A 100 -5.50 -29.21 -2.43
CA SER A 100 -5.54 -30.17 -1.34
C SER A 100 -4.70 -29.70 -0.15
N GLY A 104 -0.84 -32.12 -2.50
CA GLY A 104 -0.77 -30.80 -3.10
C GLY A 104 -1.61 -30.68 -4.36
N ARG A 105 -2.38 -31.74 -4.61
CA ARG A 105 -3.24 -31.83 -5.77
C ARG A 105 -4.29 -30.73 -5.82
N VAL A 106 -4.38 -30.05 -6.96
CA VAL A 106 -5.39 -29.00 -7.16
C VAL A 106 -6.70 -29.62 -7.63
N VAL A 107 -7.82 -28.95 -7.35
CA VAL A 107 -9.12 -29.42 -7.82
C VAL A 107 -9.86 -28.33 -8.61
N TYR A 108 -9.47 -27.06 -8.41
CA TYR A 108 -10.02 -25.99 -9.24
C TYR A 108 -9.07 -24.80 -9.36
N VAL A 109 -9.14 -24.10 -10.50
CA VAL A 109 -8.40 -22.86 -10.69
C VAL A 109 -9.24 -21.81 -11.39
N SER A 110 -8.97 -20.54 -11.10
CA SER A 110 -9.62 -19.44 -11.80
C SER A 110 -9.15 -19.42 -13.24
N ASP A 111 -10.02 -18.99 -14.15
CA ASP A 111 -9.62 -18.88 -15.55
C ASP A 111 -8.70 -17.68 -15.74
N SER A 112 -8.86 -16.67 -14.91
CA SER A 112 -8.02 -15.47 -14.95
C SER A 112 -6.56 -15.76 -14.65
N VAL A 113 -6.24 -17.04 -14.47
CA VAL A 113 -4.86 -17.48 -14.34
C VAL A 113 -4.14 -17.28 -15.68
N THR A 114 -4.92 -17.27 -16.76
CA THR A 114 -4.34 -17.15 -18.11
C THR A 114 -3.77 -15.75 -18.43
N PRO A 115 -4.49 -14.66 -18.09
CA PRO A 115 -3.82 -13.38 -18.32
C PRO A 115 -2.74 -13.07 -17.27
N VAL A 116 -2.35 -14.08 -16.49
CA VAL A 116 -1.30 -13.90 -15.48
C VAL A 116 -0.05 -14.71 -15.78
N LEU A 117 -0.16 -16.03 -15.69
CA LEU A 117 1.00 -16.91 -15.90
C LEU A 117 0.86 -17.78 -17.14
N ASN A 118 -0.17 -17.49 -17.94
CA ASN A 118 -0.58 -18.36 -19.04
C ASN A 118 -0.87 -19.76 -18.53
N GLN A 119 -0.35 -20.76 -19.22
CA GLN A 119 -0.51 -22.20 -18.91
C GLN A 119 -1.82 -22.59 -18.20
N PRO A 120 -2.96 -22.42 -18.89
CA PRO A 120 -4.27 -22.67 -18.27
C PRO A 120 -4.69 -24.14 -18.27
N GLN A 121 -4.90 -24.70 -17.09
CA GLN A 121 -5.30 -26.10 -16.91
C GLN A 121 -4.40 -27.08 -17.67
N SER A 122 -3.19 -26.63 -17.97
CA SER A 122 -2.18 -27.46 -18.64
C SER A 122 -1.34 -28.16 -17.58
N GLU A 123 -0.54 -27.38 -16.86
CA GLU A 123 0.17 -27.89 -15.69
C GLU A 123 -0.64 -27.57 -14.43
N TRP A 124 -1.93 -27.38 -14.62
CA TRP A 124 -2.87 -27.16 -13.53
C TRP A 124 -3.98 -28.21 -13.57
N PHE A 125 -5.20 -27.76 -13.86
CA PHE A 125 -6.35 -28.65 -14.00
C PHE A 125 -6.24 -29.36 -12.65
N GLY A 126 -6.12 -30.64 -12.61
CA GLY A 126 -5.97 -31.40 -11.37
C GLY A 126 -4.61 -31.77 -10.81
N SER A 127 -3.58 -31.10 -11.31
CA SER A 127 -2.19 -31.37 -10.92
C SER A 127 -1.85 -30.90 -9.50
N THR A 128 -0.80 -31.48 -8.94
CA THR A 128 -0.27 -30.98 -7.67
C THR A 128 0.41 -29.64 -7.93
N LEU A 129 0.20 -28.68 -7.04
CA LEU A 129 0.77 -27.35 -7.23
C LEU A 129 2.29 -27.40 -7.18
N TYR A 130 2.80 -28.43 -6.52
CA TYR A 130 4.25 -28.60 -6.40
C TYR A 130 4.89 -28.71 -7.78
N ASP A 131 4.15 -29.27 -8.74
CA ASP A 131 4.60 -29.35 -10.13
C ASP A 131 4.24 -28.06 -10.87
N GLN A 132 4.46 -26.93 -10.21
CA GLN A 132 4.18 -25.64 -10.80
C GLN A 132 4.99 -24.56 -10.07
N VAL A 133 5.48 -24.91 -8.88
CA VAL A 133 6.38 -24.03 -8.15
C VAL A 133 7.80 -24.25 -8.65
N HIS A 134 8.66 -23.28 -8.35
CA HIS A 134 10.08 -23.39 -8.66
C HIS A 134 10.64 -24.63 -7.98
N PRO A 135 11.27 -25.50 -8.77
CA PRO A 135 11.83 -26.76 -8.25
C PRO A 135 12.56 -26.63 -6.92
N ASP A 136 13.16 -25.48 -6.66
CA ASP A 136 13.77 -25.19 -5.36
C ASP A 136 12.84 -24.80 -4.22
N ASP A 137 11.68 -24.25 -4.56
CA ASP A 137 10.71 -23.80 -3.56
C ASP A 137 9.58 -24.82 -3.40
N VAL A 138 9.91 -26.00 -2.88
CA VAL A 138 8.89 -27.02 -2.62
C VAL A 138 8.77 -27.33 -1.12
N ASP A 139 9.92 -27.41 -0.46
CA ASP A 139 9.97 -27.76 0.96
C ASP A 139 9.46 -26.65 1.89
N LYS A 140 9.45 -25.41 1.39
CA LYS A 140 8.90 -24.30 2.16
C LYS A 140 7.38 -24.42 2.16
N LEU A 141 6.83 -24.80 1.01
CA LEU A 141 5.40 -25.06 0.87
C LEU A 141 5.03 -26.32 1.64
N ARG A 142 5.99 -27.22 1.79
CA ARG A 142 5.82 -28.39 2.65
C ARG A 142 5.78 -28.00 4.14
N GLU A 143 6.65 -27.08 4.54
CA GLU A 143 6.71 -26.65 5.95
C GLU A 143 5.53 -25.76 6.32
N GLN A 144 4.78 -25.35 5.31
CA GLN A 144 3.64 -24.46 5.49
C GLN A 144 2.33 -25.21 5.22
N LEU A 145 2.29 -26.50 5.57
CA LEU A 145 1.09 -27.32 5.42
C LEU A 145 0.98 -28.38 6.53
N SER A 146 1.14 -27.97 7.79
CA SER A 146 1.05 -28.90 8.91
C SER A 146 -0.40 -29.29 9.20
N ARG A 180 -5.81 -19.67 9.30
CA ARG A 180 -5.20 -18.77 8.31
C ARG A 180 -3.94 -19.39 7.72
N ARG A 181 -3.46 -18.81 6.62
CA ARG A 181 -2.20 -19.21 5.99
C ARG A 181 -1.78 -18.18 4.94
N SER A 182 -0.54 -17.72 4.99
CA SER A 182 -0.03 -16.78 3.99
C SER A 182 1.44 -17.04 3.66
N PHE A 183 1.79 -16.90 2.39
CA PHE A 183 3.17 -17.11 1.97
C PHE A 183 3.49 -16.46 0.63
N ILE A 184 4.77 -16.56 0.24
CA ILE A 184 5.26 -16.00 -1.02
C ILE A 184 5.97 -17.08 -1.83
N CYS A 185 5.54 -17.29 -3.07
CA CYS A 185 6.11 -18.38 -3.87
C CYS A 185 6.54 -17.94 -5.27
N ARG A 186 7.33 -18.80 -5.92
CA ARG A 186 7.73 -18.59 -7.30
C ARG A 186 6.95 -19.53 -8.22
N MET A 187 6.69 -19.11 -9.44
CA MET A 187 5.90 -19.92 -10.38
C MET A 187 6.44 -19.83 -11.81
N ARG A 188 6.07 -20.82 -12.62
CA ARG A 188 6.49 -20.86 -14.01
C ARG A 188 5.85 -19.72 -14.80
N CYS A 189 6.68 -18.92 -15.46
CA CYS A 189 6.22 -17.81 -16.28
C CYS A 189 5.26 -18.24 -17.39
N VAL A 226 5.48 -14.17 -6.58
CA VAL A 226 4.03 -14.26 -6.49
C VAL A 226 3.56 -14.40 -5.05
N HIS A 227 2.95 -13.35 -4.52
CA HIS A 227 2.45 -13.37 -3.15
C HIS A 227 1.10 -14.11 -3.12
N CYS A 228 0.85 -14.88 -2.07
CA CYS A 228 -0.36 -15.70 -2.03
C CYS A 228 -0.91 -15.88 -0.62
N THR A 229 -2.23 -15.82 -0.50
CA THR A 229 -2.89 -15.89 0.79
C THR A 229 -4.13 -16.79 0.75
N GLY A 230 -4.48 -17.37 1.91
CA GLY A 230 -5.62 -18.26 2.01
C GLY A 230 -5.78 -18.93 3.36
N TYR A 231 -6.54 -20.02 3.39
CA TYR A 231 -6.77 -20.75 4.63
C TYR A 231 -5.98 -22.06 4.67
N VAL A 258 -7.15 -24.09 -0.54
CA VAL A 258 -7.84 -22.96 -1.17
C VAL A 258 -7.10 -21.68 -0.91
N ALA A 259 -6.91 -20.87 -1.96
CA ALA A 259 -6.16 -19.61 -1.84
C ALA A 259 -6.25 -18.74 -3.09
N ILE A 260 -5.64 -17.57 -3.00
CA ILE A 260 -5.44 -16.69 -4.16
C ILE A 260 -3.99 -16.23 -4.24
N GLY A 261 -3.55 -15.91 -5.45
CA GLY A 261 -2.20 -15.44 -5.69
C GLY A 261 -2.16 -14.24 -6.61
N ARG A 262 -1.35 -13.25 -6.25
CA ARG A 262 -1.20 -12.04 -7.06
C ARG A 262 0.27 -11.65 -7.17
N LEU A 263 0.54 -10.53 -7.84
CA LEU A 263 1.88 -10.20 -8.31
C LEU A 263 2.30 -8.75 -8.03
N GLN A 264 3.59 -8.54 -7.76
CA GLN A 264 4.15 -7.20 -7.61
C GLN A 264 4.19 -6.47 -8.96
N THR A 281 26.13 0.14 -20.57
CA THR A 281 27.09 1.23 -20.76
C THR A 281 27.37 1.97 -19.45
N GLU A 282 26.39 1.97 -18.56
CA GLU A 282 26.56 2.61 -17.27
C GLU A 282 26.56 1.58 -16.15
N PHE A 283 27.21 1.91 -15.04
CA PHE A 283 27.29 0.98 -13.91
C PHE A 283 27.59 1.72 -12.61
N ILE A 284 26.98 1.26 -11.51
CA ILE A 284 27.09 1.90 -10.21
C ILE A 284 28.46 1.67 -9.56
N SER A 285 28.80 2.48 -8.55
CA SER A 285 30.01 2.26 -7.77
C SER A 285 29.91 2.91 -6.39
N ARG A 286 29.98 2.09 -5.35
CA ARG A 286 29.91 2.54 -3.97
C ARG A 286 31.28 2.63 -3.33
N HIS A 287 31.61 3.80 -2.79
CA HIS A 287 32.93 4.06 -2.28
C HIS A 287 32.97 4.33 -0.78
N ASN A 288 34.14 4.79 -0.33
CA ASN A 288 34.33 5.18 1.05
C ASN A 288 34.42 6.70 1.13
N ILE A 289 34.61 7.24 2.33
CA ILE A 289 34.69 8.68 2.49
C ILE A 289 35.98 9.24 1.87
N GLU A 290 36.96 8.36 1.66
CA GLU A 290 38.22 8.78 1.07
C GLU A 290 38.45 8.14 -0.31
N GLY A 291 37.38 7.58 -0.88
CA GLY A 291 37.42 7.14 -2.26
C GLY A 291 37.51 5.64 -2.46
N ILE A 292 38.04 4.95 -1.47
CA ILE A 292 38.16 3.50 -1.49
C ILE A 292 36.80 2.86 -1.79
N PHE A 293 36.78 1.91 -2.71
CA PHE A 293 35.54 1.29 -3.17
C PHE A 293 34.82 0.50 -2.08
N THR A 294 33.67 -0.04 -2.43
CA THR A 294 32.90 -0.86 -1.50
C THR A 294 31.99 -1.78 -2.31
N PHE A 295 31.53 -1.28 -3.45
CA PHE A 295 30.59 -2.05 -4.27
C PHE A 295 30.65 -1.62 -5.73
N VAL A 296 30.28 -2.52 -6.65
CA VAL A 296 30.21 -2.21 -8.07
C VAL A 296 29.07 -2.94 -8.80
N ASP A 297 28.91 -2.61 -10.07
CA ASP A 297 27.97 -3.28 -10.96
C ASP A 297 28.75 -4.01 -12.04
N HIS A 298 28.35 -5.25 -12.36
CA HIS A 298 29.15 -6.11 -13.21
C HIS A 298 29.31 -5.58 -14.64
N ARG A 299 28.32 -4.87 -15.15
CA ARG A 299 28.38 -4.42 -16.55
C ARG A 299 29.50 -3.42 -16.79
N CYS A 300 30.23 -3.09 -15.73
CA CYS A 300 31.50 -2.39 -15.84
C CYS A 300 32.44 -3.11 -16.80
N VAL A 301 32.43 -4.44 -16.74
CA VAL A 301 33.27 -5.27 -17.60
C VAL A 301 32.89 -5.10 -19.06
N ALA A 302 31.65 -4.70 -19.31
CA ALA A 302 31.20 -4.41 -20.67
C ALA A 302 31.66 -3.00 -21.04
N THR A 303 31.63 -2.10 -20.05
CA THR A 303 31.95 -0.71 -20.27
C THR A 303 33.43 -0.52 -20.57
N VAL A 304 34.27 -0.96 -19.64
CA VAL A 304 35.71 -0.72 -19.74
C VAL A 304 36.53 -2.02 -19.80
N GLY A 305 35.98 -3.10 -19.24
CA GLY A 305 36.67 -4.37 -19.24
C GLY A 305 37.54 -4.57 -18.02
N TYR A 306 36.92 -4.82 -16.88
CA TYR A 306 37.64 -5.14 -15.66
C TYR A 306 36.77 -6.00 -14.76
N GLN A 307 37.35 -6.59 -13.73
CA GLN A 307 36.57 -7.41 -12.82
C GLN A 307 36.67 -6.90 -11.37
N PRO A 308 35.50 -6.67 -10.75
CA PRO A 308 35.25 -6.11 -9.41
C PRO A 308 36.34 -6.34 -8.36
N GLN A 309 36.78 -7.58 -8.17
CA GLN A 309 37.67 -7.96 -7.08
C GLN A 309 39.04 -7.27 -7.16
N GLU A 310 39.49 -7.01 -8.38
CA GLU A 310 40.77 -6.33 -8.59
C GLU A 310 40.54 -4.81 -8.59
N LEU A 311 39.35 -4.42 -8.17
CA LEU A 311 39.01 -3.03 -7.95
C LEU A 311 38.39 -2.82 -6.56
N LEU A 312 37.64 -3.82 -6.11
CA LEU A 312 37.05 -3.80 -4.77
C LEU A 312 38.13 -3.73 -3.71
N GLY A 313 38.12 -2.62 -2.96
CA GLY A 313 39.08 -2.45 -1.87
C GLY A 313 40.19 -1.50 -2.23
N LYS A 314 40.39 -1.32 -3.54
CA LYS A 314 41.46 -0.45 -4.00
C LYS A 314 40.95 0.98 -4.01
N ASN A 315 41.76 1.90 -4.50
CA ASN A 315 41.38 3.30 -4.51
C ASN A 315 41.16 3.80 -5.92
N ILE A 316 40.19 4.70 -6.05
CA ILE A 316 39.82 5.21 -7.36
C ILE A 316 40.78 6.31 -7.82
N VAL A 317 41.45 6.96 -6.87
CA VAL A 317 42.43 7.98 -7.22
C VAL A 317 43.69 7.31 -7.78
N GLU A 318 43.83 6.01 -7.48
CA GLU A 318 44.92 5.21 -8.00
C GLU A 318 44.65 4.88 -9.47
N PHE A 319 43.39 4.98 -9.87
CA PHE A 319 42.97 4.70 -11.23
C PHE A 319 42.92 5.96 -12.07
N CYS A 320 43.09 7.11 -11.41
CA CYS A 320 42.99 8.38 -12.13
C CYS A 320 44.30 8.77 -12.80
N HIS A 321 44.18 9.11 -14.08
CA HIS A 321 45.29 9.67 -14.82
C HIS A 321 45.85 10.86 -14.05
N PRO A 322 47.17 10.84 -13.78
CA PRO A 322 47.86 11.81 -12.91
C PRO A 322 47.45 13.26 -13.15
N GLU A 323 47.03 13.57 -14.38
CA GLU A 323 46.62 14.92 -14.74
C GLU A 323 45.63 15.52 -13.76
N ASP A 324 44.49 14.86 -13.61
CA ASP A 324 43.42 15.38 -12.80
C ASP A 324 43.07 14.49 -11.63
N GLN A 325 44.10 13.86 -11.05
CA GLN A 325 43.89 13.09 -9.85
C GLN A 325 43.35 14.00 -8.75
N GLN A 326 43.74 15.26 -8.83
CA GLN A 326 43.28 16.28 -7.87
C GLN A 326 41.81 16.57 -8.09
N LEU A 327 41.38 16.63 -9.35
CA LEU A 327 39.99 16.96 -9.68
C LEU A 327 38.98 16.09 -8.94
N LEU A 328 39.08 14.78 -9.12
CA LEU A 328 38.21 13.83 -8.42
C LEU A 328 38.36 14.03 -6.92
N ARG A 329 39.59 14.28 -6.50
CA ARG A 329 39.88 14.54 -5.10
C ARG A 329 39.02 15.74 -4.67
N ASP A 330 39.11 16.83 -5.43
CA ASP A 330 38.31 18.02 -5.17
C ASP A 330 36.84 17.66 -5.18
N SER A 331 36.49 16.77 -6.11
CA SER A 331 35.11 16.33 -6.25
C SER A 331 34.66 15.70 -4.94
N PHE A 332 35.52 14.86 -4.38
CA PHE A 332 35.17 14.18 -3.14
C PHE A 332 35.40 15.10 -1.94
N GLN A 333 36.09 16.20 -2.20
CA GLN A 333 36.20 17.25 -1.20
C GLN A 333 34.89 18.03 -1.13
N GLN A 334 34.04 17.81 -2.12
CA GLN A 334 32.82 18.60 -2.26
C GLN A 334 31.56 17.81 -1.94
N VAL A 335 31.50 16.54 -2.38
CA VAL A 335 30.31 15.73 -2.17
C VAL A 335 30.05 15.51 -0.69
N VAL A 336 31.11 15.48 0.08
CA VAL A 336 31.01 15.31 1.53
C VAL A 336 30.37 16.53 2.16
N LYS A 337 30.60 17.68 1.53
CA LYS A 337 30.05 18.94 2.00
C LYS A 337 28.71 19.23 1.30
N LEU A 338 28.60 18.84 0.04
CA LEU A 338 27.34 18.93 -0.69
C LEU A 338 26.37 17.88 -0.18
N LYS A 339 25.76 18.16 0.98
CA LYS A 339 24.94 17.20 1.68
C LYS A 339 23.80 16.64 0.82
N GLY A 340 23.94 15.38 0.41
CA GLY A 340 22.91 14.68 -0.32
C GLY A 340 22.50 15.30 -1.64
N GLN A 341 23.48 15.76 -2.41
CA GLN A 341 23.20 16.35 -3.71
C GLN A 341 24.29 16.02 -4.71
N VAL A 342 23.89 15.88 -5.96
CA VAL A 342 24.76 15.35 -7.00
C VAL A 342 25.97 16.22 -7.28
N LEU A 343 26.89 15.67 -8.07
CA LEU A 343 28.10 16.36 -8.49
C LEU A 343 28.73 15.59 -9.64
N SER A 344 28.70 16.18 -10.84
CA SER A 344 29.19 15.50 -12.03
C SER A 344 30.59 15.97 -12.43
N VAL A 345 31.54 15.03 -12.53
CA VAL A 345 32.90 15.38 -12.94
C VAL A 345 33.38 14.53 -14.11
N MET A 346 34.36 15.05 -14.85
CA MET A 346 34.89 14.41 -16.07
C MET A 346 36.28 13.82 -15.90
N PHE A 347 36.34 12.51 -15.66
CA PHE A 347 37.58 11.77 -15.74
C PHE A 347 37.53 11.01 -17.07
N TRP A 358 36.53 10.87 -21.93
CA TRP A 358 36.70 10.93 -20.48
C TRP A 358 35.40 10.57 -19.76
N MET A 359 35.51 9.59 -18.87
CA MET A 359 34.40 9.06 -18.09
C MET A 359 33.71 10.08 -17.20
N ARG A 360 32.45 10.38 -17.49
CA ARG A 360 31.60 11.15 -16.58
C ARG A 360 31.28 10.37 -15.30
N THR A 361 31.07 11.08 -14.18
CA THR A 361 30.50 10.44 -12.99
C THR A 361 29.76 11.42 -12.09
N SER A 362 28.59 11.02 -11.62
CA SER A 362 27.75 11.88 -10.80
C SER A 362 27.77 11.48 -9.34
N SER A 363 28.89 11.72 -8.67
CA SER A 363 29.07 11.35 -7.28
C SER A 363 28.24 12.21 -6.32
N PHE A 364 27.65 11.57 -5.33
CA PHE A 364 26.95 12.28 -4.25
C PHE A 364 26.89 11.45 -2.98
N THR A 365 26.97 12.12 -1.83
CA THR A 365 27.02 11.44 -0.54
C THR A 365 25.67 10.90 -0.09
N PHE A 366 25.70 9.82 0.69
CA PHE A 366 24.47 9.28 1.29
C PHE A 366 24.54 9.23 2.80
N GLN A 367 23.65 9.95 3.45
CA GLN A 367 23.59 9.97 4.91
C GLN A 367 22.44 9.08 5.42
N ASN A 368 22.70 8.34 6.50
CA ASN A 368 21.75 7.41 7.08
C ASN A 368 20.43 8.10 7.42
N PRO A 369 19.37 7.81 6.64
CA PRO A 369 18.07 8.50 6.59
C PRO A 369 17.54 9.00 7.93
N TYR A 370 17.79 8.25 9.00
CA TYR A 370 17.34 8.69 10.32
C TYR A 370 18.36 9.57 11.00
N SER A 371 19.60 9.09 11.07
CA SER A 371 20.68 9.80 11.75
C SER A 371 21.35 10.82 10.84
N ASP A 372 21.03 10.76 9.55
CA ASP A 372 21.56 11.69 8.55
C ASP A 372 23.05 11.93 8.67
N GLU A 373 23.81 10.84 8.86
CA GLU A 373 25.26 10.89 8.78
C GLU A 373 25.73 9.90 7.72
N ILE A 374 26.75 10.31 6.96
CA ILE A 374 27.25 9.52 5.85
C ILE A 374 27.76 8.14 6.26
N GLU A 375 27.91 7.27 5.26
CA GLU A 375 28.68 6.05 5.41
C GLU A 375 29.20 5.60 4.05
N TYR A 376 28.61 6.12 2.98
CA TYR A 376 29.19 5.93 1.65
C TYR A 376 28.73 6.94 0.58
N ILE A 377 29.51 6.97 -0.49
CA ILE A 377 29.29 7.86 -1.61
C ILE A 377 28.83 7.10 -2.85
N ILE A 378 27.67 7.45 -3.38
CA ILE A 378 27.17 6.82 -4.61
C ILE A 378 27.67 7.56 -5.83
N CYS A 379 28.39 6.87 -6.70
CA CYS A 379 28.96 7.53 -7.87
C CYS A 379 28.72 6.75 -9.15
N THR A 380 27.58 6.99 -9.78
CA THR A 380 27.32 6.43 -11.09
C THR A 380 28.32 7.01 -12.09
N ASN A 381 29.22 6.16 -12.57
CA ASN A 381 30.18 6.54 -13.58
C ASN A 381 29.87 5.85 -14.90
N THR A 382 30.03 6.59 -15.99
CA THR A 382 29.76 6.05 -17.31
C THR A 382 30.64 6.74 -18.34
N ASN A 383 30.70 6.16 -19.53
CA ASN A 383 31.67 6.56 -20.53
C ASN A 383 31.21 7.65 -21.49
N VAL A 384 32.18 8.45 -21.94
CA VAL A 384 31.98 9.43 -23.01
C VAL A 384 33.31 10.00 -23.50
N SER B 3 -51.98 38.59 8.99
CA SER B 3 -50.66 37.97 9.10
C SER B 3 -50.71 36.67 9.90
N GLU B 4 -51.69 36.55 10.78
CA GLU B 4 -51.78 35.37 11.63
C GLU B 4 -52.46 34.20 10.93
N ARG B 5 -53.31 34.51 9.95
CA ARG B 5 -53.94 33.46 9.15
C ARG B 5 -52.91 32.83 8.23
N ARG B 6 -52.15 33.67 7.54
CA ARG B 6 -51.04 33.19 6.72
C ARG B 6 -50.05 32.42 7.58
N LYS B 7 -49.99 32.77 8.86
CA LYS B 7 -49.05 32.15 9.79
C LYS B 7 -49.51 30.75 10.19
N GLU B 8 -50.78 30.61 10.56
CA GLU B 8 -51.31 29.30 10.94
C GLU B 8 -51.31 28.36 9.74
N LYS B 9 -51.67 28.87 8.57
CA LYS B 9 -51.68 28.02 7.38
C LYS B 9 -50.26 27.71 6.91
N SER B 10 -49.31 28.61 7.20
CA SER B 10 -47.91 28.33 6.91
C SER B 10 -47.42 27.19 7.77
N ARG B 11 -47.72 27.28 9.06
CA ARG B 11 -47.39 26.22 9.99
C ARG B 11 -47.96 24.85 9.56
N ASP B 12 -49.24 24.83 9.18
CA ASP B 12 -49.89 23.57 8.81
C ASP B 12 -49.41 22.99 7.47
N ALA B 13 -49.28 23.85 6.46
CA ALA B 13 -48.78 23.41 5.17
C ALA B 13 -47.34 22.90 5.29
N ALA B 14 -46.54 23.60 6.10
CA ALA B 14 -45.16 23.17 6.36
C ALA B 14 -45.15 21.81 7.07
N ARG B 15 -46.13 21.60 7.95
CA ARG B 15 -46.31 20.29 8.57
C ARG B 15 -46.53 19.21 7.52
N SER B 16 -47.38 19.51 6.53
CA SER B 16 -47.57 18.58 5.41
C SER B 16 -46.25 18.27 4.72
N ARG B 17 -45.51 19.33 4.42
CA ARG B 17 -44.18 19.22 3.82
C ARG B 17 -43.27 18.24 4.57
N ARG B 18 -43.09 18.47 5.87
CA ARG B 18 -42.24 17.59 6.67
C ARG B 18 -42.76 16.16 6.69
N SER B 19 -44.08 16.00 6.70
CA SER B 19 -44.68 14.67 6.66
C SER B 19 -44.20 13.90 5.43
N LYS B 20 -44.42 14.47 4.26
CA LYS B 20 -43.98 13.79 3.04
C LYS B 20 -42.45 13.68 2.98
N GLU B 21 -41.75 14.57 3.70
CA GLU B 21 -40.29 14.49 3.80
C GLU B 21 -39.84 13.21 4.49
N SER B 22 -40.20 13.06 5.77
CA SER B 22 -39.84 11.86 6.52
C SER B 22 -40.33 10.61 5.79
N GLU B 23 -41.51 10.74 5.18
CA GLU B 23 -42.06 9.67 4.33
C GLU B 23 -41.04 9.23 3.28
N VAL B 24 -40.63 10.17 2.43
CA VAL B 24 -39.77 9.83 1.30
C VAL B 24 -38.39 9.37 1.79
N PHE B 25 -37.99 9.82 2.97
CA PHE B 25 -36.71 9.40 3.51
C PHE B 25 -36.70 7.94 3.97
N TYR B 26 -37.62 7.57 4.86
CA TYR B 26 -37.67 6.18 5.32
C TYR B 26 -38.07 5.25 4.18
N GLU B 27 -38.78 5.80 3.21
CA GLU B 27 -39.16 5.04 2.02
C GLU B 27 -37.96 4.81 1.11
N LEU B 28 -37.06 5.80 1.03
CA LEU B 28 -35.80 5.62 0.31
C LEU B 28 -34.94 4.60 1.05
N ALA B 29 -35.07 4.56 2.37
CA ALA B 29 -34.37 3.56 3.17
C ALA B 29 -34.88 2.14 2.87
N HIS B 30 -36.19 2.00 2.66
CA HIS B 30 -36.76 0.70 2.27
C HIS B 30 -36.24 0.24 0.91
N GLN B 31 -35.87 1.18 0.05
CA GLN B 31 -35.49 0.88 -1.33
C GLN B 31 -34.00 0.52 -1.46
N LEU B 32 -33.32 0.47 -0.31
CA LEU B 32 -31.89 0.16 -0.27
C LEU B 32 -31.59 -1.34 -0.37
N PRO B 33 -30.32 -1.69 -0.67
CA PRO B 33 -29.91 -3.10 -0.66
C PRO B 33 -29.65 -3.60 0.76
N LEU B 34 -29.77 -2.70 1.72
CA LEU B 34 -29.54 -3.04 3.12
C LEU B 34 -30.67 -3.90 3.68
N PRO B 35 -30.30 -4.87 4.53
CA PRO B 35 -31.30 -5.58 5.34
C PRO B 35 -32.00 -4.60 6.27
N HIS B 36 -33.30 -4.39 6.09
CA HIS B 36 -34.03 -3.34 6.80
C HIS B 36 -33.69 -3.30 8.30
N ASN B 37 -33.19 -4.37 8.86
CA ASN B 37 -32.79 -4.39 10.26
C ASN B 37 -31.86 -3.23 10.60
N VAL B 38 -31.33 -2.59 9.57
CA VAL B 38 -30.39 -1.48 9.71
C VAL B 38 -30.75 -0.29 8.81
N SER B 39 -31.63 -0.52 7.85
CA SER B 39 -31.96 0.49 6.84
C SER B 39 -32.64 1.72 7.44
N SER B 40 -33.93 1.60 7.76
CA SER B 40 -34.71 2.73 8.27
C SER B 40 -34.24 3.17 9.66
N HIS B 41 -33.34 2.39 10.24
CA HIS B 41 -32.86 2.60 11.59
C HIS B 41 -31.82 3.73 11.69
N LEU B 42 -31.40 4.24 10.54
CA LEU B 42 -30.31 5.23 10.53
C LEU B 42 -30.69 6.61 9.99
N ASP B 43 -29.75 7.53 10.14
CA ASP B 43 -29.92 8.93 9.78
C ASP B 43 -30.20 9.12 8.29
N LYS B 44 -30.99 10.14 7.97
CA LYS B 44 -31.35 10.41 6.58
C LYS B 44 -30.17 10.98 5.77
N ALA B 45 -29.30 11.74 6.43
CA ALA B 45 -28.08 12.21 5.77
C ALA B 45 -27.21 11.02 5.37
N SER B 46 -27.20 10.00 6.22
CA SER B 46 -26.52 8.76 5.91
C SER B 46 -27.14 8.14 4.66
N VAL B 47 -28.47 8.13 4.62
CA VAL B 47 -29.22 7.64 3.48
C VAL B 47 -28.72 8.33 2.22
N MET B 48 -28.56 9.65 2.29
CA MET B 48 -28.01 10.41 1.17
C MET B 48 -26.66 9.86 0.76
N ARG B 49 -25.73 9.80 1.72
CA ARG B 49 -24.39 9.27 1.48
C ARG B 49 -24.41 7.97 0.71
N LEU B 50 -24.97 6.93 1.32
CA LEU B 50 -24.89 5.59 0.75
C LEU B 50 -25.72 5.42 -0.52
N THR B 51 -26.79 6.20 -0.67
CA THR B 51 -27.55 6.18 -1.91
C THR B 51 -26.70 6.69 -3.05
N ILE B 52 -26.15 7.90 -2.89
CA ILE B 52 -25.22 8.47 -3.86
C ILE B 52 -24.15 7.44 -4.22
N SER B 53 -23.50 6.92 -3.19
CA SER B 53 -22.45 5.91 -3.36
C SER B 53 -22.90 4.76 -4.24
N TYR B 54 -23.88 3.98 -3.78
CA TYR B 54 -24.31 2.81 -4.53
C TYR B 54 -24.80 3.15 -5.94
N LEU B 55 -25.32 4.36 -6.11
CA LEU B 55 -25.72 4.82 -7.44
C LEU B 55 -24.52 4.92 -8.35
N ARG B 56 -23.48 5.64 -7.95
CA ARG B 56 -22.31 5.76 -8.82
C ARG B 56 -21.52 4.45 -8.88
N VAL B 57 -21.81 3.54 -7.96
CA VAL B 57 -21.24 2.20 -7.97
C VAL B 57 -21.84 1.37 -9.10
N ARG B 58 -23.16 1.19 -9.08
CA ARG B 58 -23.83 0.41 -10.11
C ARG B 58 -23.80 1.14 -11.46
N LYS B 59 -23.45 2.43 -11.42
CA LYS B 59 -23.28 3.19 -12.66
C LYS B 59 -21.89 2.95 -13.25
N LEU B 60 -20.86 2.99 -12.42
CA LEU B 60 -19.48 2.85 -12.90
C LEU B 60 -19.19 1.46 -13.48
N LEU B 61 -20.01 0.47 -13.14
CA LEU B 61 -19.88 -0.86 -13.74
C LEU B 61 -20.82 -1.00 -14.94
N ASP B 77 -17.87 -17.89 -6.98
CA ASP B 77 -18.73 -17.69 -5.83
C ASP B 77 -18.08 -16.77 -4.81
N CYS B 78 -18.45 -16.95 -3.55
CA CYS B 78 -17.86 -16.20 -2.44
C CYS B 78 -16.40 -16.56 -2.28
N PHE B 79 -15.95 -17.54 -3.07
CA PHE B 79 -14.57 -18.01 -3.09
C PHE B 79 -13.53 -16.89 -2.93
N TYR B 80 -13.67 -15.85 -3.75
CA TYR B 80 -12.61 -14.87 -3.96
C TYR B 80 -12.28 -13.97 -2.77
N LEU B 81 -13.26 -13.19 -2.31
CA LEU B 81 -13.02 -12.23 -1.23
C LEU B 81 -12.54 -12.90 0.05
N LYS B 82 -12.77 -14.20 0.15
CA LYS B 82 -12.41 -14.98 1.32
C LYS B 82 -10.89 -15.06 1.53
N ALA B 83 -10.18 -15.61 0.55
CA ALA B 83 -8.74 -15.84 0.67
C ALA B 83 -7.97 -14.52 0.78
N LEU B 84 -8.62 -13.43 0.38
CA LEU B 84 -8.01 -12.12 0.41
C LEU B 84 -7.71 -11.66 1.84
N ASP B 85 -6.77 -10.73 1.97
CA ASP B 85 -6.43 -10.15 3.27
C ASP B 85 -6.63 -8.63 3.21
N GLY B 86 -7.41 -8.11 4.14
CA GLY B 86 -7.74 -6.69 4.14
C GLY B 86 -9.15 -6.45 3.62
N PHE B 87 -9.30 -5.47 2.74
CA PHE B 87 -10.60 -5.19 2.14
C PHE B 87 -10.54 -4.37 0.85
N VAL B 88 -11.71 -4.08 0.30
CA VAL B 88 -11.84 -3.43 -0.99
C VAL B 88 -12.16 -1.95 -0.83
N MET B 89 -11.47 -1.11 -1.59
CA MET B 89 -11.72 0.33 -1.55
C MET B 89 -11.94 0.89 -2.96
N VAL B 90 -12.98 1.70 -3.13
CA VAL B 90 -13.24 2.32 -4.43
C VAL B 90 -13.38 3.82 -4.30
N LEU B 91 -12.62 4.56 -5.11
CA LEU B 91 -12.63 6.01 -5.04
C LEU B 91 -12.98 6.63 -6.38
N THR B 92 -13.24 7.93 -6.37
CA THR B 92 -13.35 8.71 -7.60
C THR B 92 -12.32 9.83 -7.53
N ASP B 93 -12.32 10.72 -8.51
CA ASP B 93 -11.31 11.76 -8.55
C ASP B 93 -11.40 12.71 -7.36
N ASP B 94 -12.60 12.86 -6.82
CA ASP B 94 -12.80 13.76 -5.69
C ASP B 94 -12.43 13.06 -4.38
N GLY B 95 -12.64 11.75 -4.32
CA GLY B 95 -12.22 10.98 -3.15
C GLY B 95 -13.35 10.40 -2.32
N ASP B 96 -14.57 10.57 -2.79
CA ASP B 96 -15.71 9.96 -2.13
C ASP B 96 -15.56 8.44 -2.23
N MET B 97 -15.03 7.82 -1.19
CA MET B 97 -14.84 6.38 -1.22
C MET B 97 -16.19 5.67 -1.26
N VAL B 98 -16.67 5.45 -2.48
CA VAL B 98 -18.03 4.99 -2.71
C VAL B 98 -18.24 3.48 -2.65
N TYR B 99 -17.22 2.71 -2.29
CA TYR B 99 -17.45 1.31 -1.95
C TYR B 99 -16.48 0.75 -0.93
N ILE B 100 -17.00 -0.16 -0.12
CA ILE B 100 -16.25 -0.85 0.90
C ILE B 100 -16.81 -2.27 1.06
N SER B 101 -15.92 -3.26 1.06
CA SER B 101 -16.36 -4.64 1.14
C SER B 101 -16.76 -4.99 2.57
N ASP B 102 -17.61 -6.00 2.71
CA ASP B 102 -18.15 -6.42 4.00
C ASP B 102 -17.05 -6.76 4.99
N ASN B 103 -15.97 -7.35 4.50
CA ASN B 103 -14.90 -7.86 5.36
C ASN B 103 -14.19 -6.81 6.20
N VAL B 104 -14.43 -5.54 5.89
CA VAL B 104 -13.79 -4.42 6.59
C VAL B 104 -13.84 -4.59 8.09
N ASN B 105 -14.99 -5.02 8.60
CA ASN B 105 -15.21 -5.25 10.02
C ASN B 105 -14.08 -5.99 10.71
N LYS B 106 -13.51 -6.99 10.03
CA LYS B 106 -12.41 -7.76 10.61
C LYS B 106 -11.19 -6.87 10.85
N TYR B 107 -11.04 -5.84 10.03
CA TYR B 107 -9.95 -4.88 10.19
C TYR B 107 -10.56 -3.55 10.63
N MET B 108 -9.71 -2.54 10.82
CA MET B 108 -10.19 -1.21 11.23
C MET B 108 -11.06 -1.22 12.49
N GLY B 109 -12.16 -1.98 12.44
CA GLY B 109 -13.11 -2.03 13.53
C GLY B 109 -14.41 -1.42 13.06
N LEU B 110 -14.30 -0.43 12.19
CA LEU B 110 -15.46 0.18 11.58
C LEU B 110 -16.18 -0.80 10.67
N THR B 111 -17.41 -0.47 10.33
CA THR B 111 -18.19 -1.30 9.44
C THR B 111 -18.41 -0.54 8.14
N GLN B 112 -18.63 -1.30 7.07
CA GLN B 112 -19.01 -0.78 5.77
C GLN B 112 -19.94 0.43 5.83
N PHE B 113 -21.05 0.26 6.54
CA PHE B 113 -22.11 1.24 6.57
C PHE B 113 -21.68 2.56 7.22
N GLU B 114 -20.66 2.49 8.06
CA GLU B 114 -20.10 3.69 8.66
C GLU B 114 -19.48 4.62 7.64
N LEU B 115 -19.00 4.03 6.54
CA LEU B 115 -18.05 4.72 5.68
C LEU B 115 -18.23 4.36 4.19
N THR B 116 -19.46 4.12 3.76
CA THR B 116 -19.65 3.75 2.37
C THR B 116 -20.14 4.92 1.52
N GLY B 117 -19.20 5.75 1.10
CA GLY B 117 -19.50 6.76 0.10
C GLY B 117 -19.39 8.21 0.53
N HIS B 118 -18.46 8.50 1.43
CA HIS B 118 -18.09 9.89 1.67
C HIS B 118 -16.57 9.98 1.71
N SER B 119 -16.03 11.10 2.20
CA SER B 119 -14.61 11.42 2.07
C SER B 119 -13.68 10.31 2.54
N VAL B 120 -12.52 10.23 1.90
CA VAL B 120 -11.48 9.28 2.27
C VAL B 120 -10.48 9.95 3.21
N PHE B 121 -10.35 11.26 3.06
CA PHE B 121 -9.44 12.04 3.87
C PHE B 121 -9.99 12.21 5.29
N ASP B 122 -11.29 11.93 5.44
CA ASP B 122 -11.96 12.05 6.73
C ASP B 122 -11.52 10.93 7.68
N PHE B 123 -11.13 9.80 7.11
CA PHE B 123 -10.78 8.63 7.90
C PHE B 123 -9.29 8.26 7.78
N THR B 124 -8.56 9.03 6.98
CA THR B 124 -7.11 8.84 6.90
C THR B 124 -6.42 9.97 7.64
N HIS B 125 -5.33 9.62 8.33
CA HIS B 125 -4.54 10.58 9.10
C HIS B 125 -4.17 11.77 8.24
N PRO B 126 -4.26 12.99 8.80
CA PRO B 126 -3.73 14.16 8.11
C PRO B 126 -2.22 14.03 7.93
N CYS B 127 -1.59 14.95 7.19
CA CYS B 127 -0.17 14.84 6.89
C CYS B 127 0.09 13.55 6.09
N ASP B 128 -0.93 13.11 5.36
CA ASP B 128 -0.86 11.90 4.54
C ASP B 128 -1.73 12.03 3.30
N HIS B 129 -2.61 13.03 3.29
CA HIS B 129 -3.60 13.22 2.24
C HIS B 129 -2.97 13.53 0.89
N GLU B 130 -1.76 14.07 0.92
CA GLU B 130 -1.08 14.53 -0.28
C GLU B 130 -0.68 13.34 -1.14
N GLU B 131 -0.36 12.22 -0.49
CA GLU B 131 -0.12 10.99 -1.20
C GLU B 131 -1.34 10.66 -2.04
N MET B 132 -2.50 10.59 -1.39
CA MET B 132 -3.78 10.40 -2.08
C MET B 132 -3.94 11.37 -3.26
N ARG B 133 -3.73 12.65 -2.98
CA ARG B 133 -3.83 13.71 -3.98
C ARG B 133 -3.06 13.36 -5.23
N GLU B 134 -1.74 13.21 -5.10
CA GLU B 134 -0.90 12.94 -6.25
C GLU B 134 -1.22 11.58 -6.87
N MET B 135 -1.81 10.69 -6.07
CA MET B 135 -2.25 9.39 -6.57
C MET B 135 -3.71 9.40 -6.99
N LEU B 136 -4.19 10.60 -7.30
CA LEU B 136 -5.43 10.76 -8.04
C LEU B 136 -5.15 11.73 -9.19
N THR B 137 -4.00 11.55 -9.83
CA THR B 137 -3.55 12.45 -10.88
C THR B 137 -3.74 11.86 -12.27
N THR B 151 -0.01 2.95 -14.60
CA THR B 151 -1.35 2.83 -14.03
C THR B 151 -1.34 2.01 -12.76
N GLN B 152 -0.25 1.28 -12.55
CA GLN B 152 -0.10 0.38 -11.41
C GLN B 152 0.33 1.16 -10.16
N ARG B 153 -0.37 0.95 -9.05
CA ARG B 153 -0.06 1.74 -7.84
C ARG B 153 0.07 0.91 -6.56
N SER B 154 1.25 0.95 -5.94
CA SER B 154 1.48 0.32 -4.64
C SER B 154 1.94 1.34 -3.62
N PHE B 155 1.07 1.64 -2.65
CA PHE B 155 1.32 2.72 -1.70
C PHE B 155 0.71 2.42 -0.34
N PHE B 156 1.25 3.01 0.72
CA PHE B 156 0.76 2.73 2.06
C PHE B 156 -0.11 3.87 2.59
N LEU B 157 -1.28 3.53 3.13
CA LEU B 157 -2.23 4.51 3.65
C LEU B 157 -2.37 4.44 5.16
N ARG B 158 -3.04 5.43 5.74
CA ARG B 158 -3.09 5.62 7.19
C ARG B 158 -4.52 5.79 7.72
N MET B 159 -5.29 4.71 7.69
CA MET B 159 -6.65 4.75 8.22
C MET B 159 -6.67 4.93 9.73
N LYS B 160 -7.84 4.74 10.32
CA LYS B 160 -7.98 4.78 11.78
C LYS B 160 -8.67 3.51 12.26
N CYS B 161 -7.88 2.62 12.87
CA CYS B 161 -8.41 1.41 13.48
C CYS B 161 -9.09 1.74 14.79
N THR B 162 -10.13 0.96 15.07
CA THR B 162 -10.91 1.07 16.29
C THR B 162 -11.24 -0.33 16.77
N LEU B 163 -10.21 -1.15 16.95
CA LEU B 163 -10.45 -2.58 17.09
C LEU B 163 -9.62 -3.27 18.17
N THR B 164 -8.40 -2.77 18.40
CA THR B 164 -7.41 -3.39 19.29
C THR B 164 -7.25 -4.89 19.01
N ARG B 168 -11.56 -5.64 20.77
CA ARG B 168 -12.86 -5.55 20.10
C ARG B 168 -13.15 -4.11 19.68
N THR B 169 -14.17 -3.92 18.84
CA THR B 169 -14.52 -2.59 18.32
C THR B 169 -14.80 -1.56 19.40
N MET B 170 -14.54 -0.29 19.07
CA MET B 170 -14.67 0.80 20.03
C MET B 170 -15.36 2.04 19.43
N ASN B 171 -15.12 3.18 20.07
CA ASN B 171 -15.64 4.46 19.60
C ASN B 171 -14.51 5.32 19.02
N ILE B 172 -14.88 6.34 18.28
CA ILE B 172 -13.92 7.21 17.62
C ILE B 172 -13.28 8.17 18.62
N LYS B 173 -12.12 8.70 18.24
CA LYS B 173 -11.29 9.61 19.06
C LYS B 173 -10.63 8.88 20.22
N SER B 174 -11.25 7.80 20.68
CA SER B 174 -10.58 6.85 21.54
C SER B 174 -9.89 5.82 20.64
N ALA B 175 -10.25 5.84 19.35
CA ALA B 175 -9.62 5.01 18.33
C ALA B 175 -8.29 5.62 17.88
N THR B 176 -7.51 4.91 17.06
CA THR B 176 -6.17 5.39 16.72
C THR B 176 -5.75 5.07 15.28
N TRP B 177 -4.61 5.60 14.84
CA TRP B 177 -4.17 5.49 13.45
C TRP B 177 -3.59 4.11 13.14
N LYS B 178 -3.94 3.58 11.97
CA LYS B 178 -3.50 2.26 11.51
C LYS B 178 -3.00 2.36 10.07
N VAL B 179 -2.09 1.47 9.67
CA VAL B 179 -1.56 1.49 8.32
C VAL B 179 -2.12 0.38 7.43
N LEU B 180 -2.10 0.60 6.13
CA LEU B 180 -2.64 -0.35 5.16
C LEU B 180 -1.88 -0.31 3.83
N HIS B 181 -1.24 -1.42 3.45
CA HIS B 181 -0.63 -1.51 2.12
C HIS B 181 -1.70 -1.64 1.05
N CYS B 182 -1.69 -0.73 0.10
CA CYS B 182 -2.70 -0.67 -0.95
C CYS B 182 -2.09 -0.93 -2.32
N THR B 183 -2.60 -1.95 -3.01
CA THR B 183 -2.20 -2.21 -4.37
C THR B 183 -3.44 -2.06 -5.24
N GLY B 184 -3.33 -1.27 -6.31
CA GLY B 184 -4.49 -1.01 -7.14
C GLY B 184 -4.30 -0.33 -8.49
N HIS B 185 -5.40 -0.21 -9.22
CA HIS B 185 -5.39 0.35 -10.57
C HIS B 185 -6.59 1.27 -10.77
N ILE B 186 -6.60 2.01 -11.88
CA ILE B 186 -7.64 2.99 -12.12
C ILE B 186 -8.46 2.65 -13.37
N HIS B 187 -9.52 3.41 -13.63
CA HIS B 187 -10.34 3.24 -14.84
C HIS B 187 -10.64 4.58 -15.52
N CYS B 207 -11.94 7.30 -10.84
CA CYS B 207 -12.60 6.00 -10.84
C CYS B 207 -11.64 4.88 -10.44
N LEU B 208 -11.04 5.03 -9.27
CA LEU B 208 -9.95 4.18 -8.81
C LEU B 208 -10.42 2.97 -8.00
N VAL B 209 -9.69 1.86 -8.12
CA VAL B 209 -10.01 0.64 -7.37
C VAL B 209 -8.76 0.08 -6.69
N LEU B 210 -8.89 -0.27 -5.40
CA LEU B 210 -7.77 -0.63 -4.55
C LEU B 210 -8.01 -1.84 -3.65
N ILE B 211 -6.97 -2.65 -3.47
CA ILE B 211 -6.90 -3.69 -2.45
C ILE B 211 -6.09 -3.20 -1.27
N CYS B 212 -6.69 -3.20 -0.10
CA CYS B 212 -6.02 -2.71 1.10
C CYS B 212 -5.81 -3.79 2.14
N GLU B 213 -4.59 -4.30 2.20
CA GLU B 213 -4.21 -5.32 3.19
C GLU B 213 -3.54 -4.66 4.40
N PRO B 214 -3.70 -5.32 5.55
CA PRO B 214 -3.13 -4.93 6.84
C PRO B 214 -1.75 -5.59 7.05
N ILE B 215 -1.02 -5.13 8.08
CA ILE B 215 0.31 -5.66 8.37
C ILE B 215 0.39 -6.50 9.64
N PRO B 216 1.43 -7.34 9.76
CA PRO B 216 1.53 -8.14 10.98
C PRO B 216 2.38 -7.44 12.04
N HIS B 217 1.72 -6.80 13.00
CA HIS B 217 2.42 -6.16 14.11
C HIS B 217 3.04 -7.25 14.99
N PRO B 218 4.37 -7.21 15.15
CA PRO B 218 5.11 -8.18 15.98
C PRO B 218 4.65 -8.28 17.45
N SER B 219 3.63 -7.51 17.83
CA SER B 219 2.96 -7.73 19.12
C SER B 219 2.04 -8.95 18.95
N ASN B 220 1.75 -9.28 17.70
CA ASN B 220 1.04 -10.50 17.34
C ASN B 220 1.71 -11.18 16.13
N ILE B 221 2.86 -11.77 16.38
CA ILE B 221 3.61 -12.47 15.34
C ILE B 221 2.89 -13.74 14.92
N GLU B 222 3.12 -14.18 13.68
CA GLU B 222 2.54 -15.41 13.15
C GLU B 222 1.02 -15.44 13.24
N SER B 227 10.38 -21.71 7.46
CA SER B 227 11.78 -22.04 7.20
C SER B 227 12.29 -21.13 6.09
N LYS B 228 11.34 -20.55 5.37
CA LYS B 228 11.59 -19.55 4.34
C LYS B 228 12.11 -18.24 4.91
N THR B 229 11.55 -17.85 6.05
CA THR B 229 11.65 -16.50 6.58
C THR B 229 12.59 -16.39 7.79
N PHE B 230 13.26 -15.25 7.93
CA PHE B 230 14.02 -14.97 9.15
C PHE B 230 13.76 -13.56 9.69
N LEU B 231 13.71 -13.43 11.00
CA LEU B 231 13.45 -12.14 11.63
C LEU B 231 14.76 -11.42 11.83
N SER B 232 14.66 -10.16 12.26
CA SER B 232 15.83 -9.36 12.59
C SER B 232 15.41 -8.17 13.44
N ARG B 233 16.37 -7.61 14.16
CA ARG B 233 16.13 -6.45 15.00
C ARG B 233 17.28 -5.47 14.81
N HIS B 234 16.97 -4.18 14.72
CA HIS B 234 17.99 -3.15 14.52
C HIS B 234 17.71 -1.88 15.32
N SER B 235 18.71 -1.01 15.37
CA SER B 235 18.54 0.33 15.93
C SER B 235 17.75 1.20 14.95
N LEU B 236 17.71 2.49 15.22
CA LEU B 236 16.93 3.40 14.37
C LEU B 236 17.64 3.66 13.03
N ASP B 237 18.95 3.89 13.08
CA ASP B 237 19.75 4.08 11.87
C ASP B 237 20.11 2.73 11.24
N MET B 238 19.53 1.67 11.81
CA MET B 238 19.71 0.29 11.38
C MET B 238 21.14 -0.25 11.55
N LYS B 239 21.52 -0.38 12.82
CA LYS B 239 22.61 -1.24 13.23
C LYS B 239 21.97 -2.39 14.00
N PHE B 240 22.28 -3.64 13.62
CA PHE B 240 21.60 -4.80 14.19
C PHE B 240 21.73 -4.91 15.70
N SER B 241 20.78 -5.60 16.31
CA SER B 241 20.73 -5.76 17.76
C SER B 241 20.37 -7.20 18.12
N TYR B 242 19.55 -7.83 17.28
CA TYR B 242 19.03 -9.15 17.59
C TYR B 242 18.62 -9.86 16.30
N CYS B 243 19.17 -11.05 16.10
CA CYS B 243 18.96 -11.75 14.84
C CYS B 243 18.67 -13.22 15.10
N ASP B 244 18.71 -14.03 14.05
CA ASP B 244 18.46 -15.46 14.17
C ASP B 244 19.73 -16.24 13.86
N ILE B 247 19.56 -17.85 9.63
CA ILE B 247 20.10 -16.81 8.76
C ILE B 247 21.12 -17.35 7.77
N THR B 248 22.20 -17.90 8.31
CA THR B 248 23.31 -18.43 7.53
C THR B 248 22.85 -19.37 6.43
N GLU B 249 21.90 -20.23 6.79
CA GLU B 249 21.33 -21.22 5.89
C GLU B 249 21.03 -20.68 4.48
N LEU B 250 20.32 -19.56 4.41
CA LEU B 250 19.88 -19.02 3.12
C LEU B 250 20.80 -17.94 2.58
N MET B 251 21.59 -17.35 3.48
CA MET B 251 22.40 -16.19 3.11
C MET B 251 23.90 -16.47 3.12
N GLY B 252 24.50 -16.36 4.30
CA GLY B 252 25.93 -16.55 4.45
C GLY B 252 26.46 -16.13 5.82
N TYR B 253 26.40 -14.82 6.09
CA TYR B 253 26.99 -14.26 7.30
C TYR B 253 26.33 -14.79 8.58
N GLU B 254 26.91 -14.44 9.72
CA GLU B 254 26.36 -14.79 11.02
C GLU B 254 25.94 -13.54 11.81
N PRO B 255 24.96 -13.67 12.71
CA PRO B 255 24.59 -12.58 13.63
C PRO B 255 25.77 -12.12 14.46
N GLU B 256 26.68 -13.05 14.76
CA GLU B 256 27.92 -12.75 15.45
C GLU B 256 28.81 -11.83 14.62
N GLU B 257 28.92 -12.14 13.33
CA GLU B 257 29.78 -11.39 12.42
C GLU B 257 29.23 -10.00 12.13
N LEU B 258 27.92 -9.90 11.93
CA LEU B 258 27.27 -8.62 11.65
C LEU B 258 26.95 -7.88 12.94
N LEU B 259 25.73 -8.05 13.42
CA LEU B 259 25.28 -7.39 14.64
C LEU B 259 25.22 -5.88 14.46
N GLY B 260 26.35 -5.22 14.71
CA GLY B 260 26.43 -3.78 14.57
C GLY B 260 26.97 -3.36 13.22
N ARG B 261 26.09 -3.31 12.22
CA ARG B 261 26.49 -2.92 10.88
C ARG B 261 25.31 -2.31 10.12
N SER B 262 25.58 -1.24 9.39
CA SER B 262 24.55 -0.56 8.61
C SER B 262 24.07 -1.50 7.52
N ILE B 263 22.78 -1.83 7.54
CA ILE B 263 22.22 -2.80 6.61
C ILE B 263 22.24 -2.26 5.18
N TYR B 264 22.45 -0.96 5.04
CA TYR B 264 22.56 -0.34 3.73
C TYR B 264 23.84 -0.80 3.03
N GLU B 265 24.81 -1.25 3.81
CA GLU B 265 26.07 -1.74 3.25
C GLU B 265 25.89 -3.08 2.57
N TYR B 266 25.07 -3.95 3.18
CA TYR B 266 24.82 -5.27 2.64
C TYR B 266 23.62 -5.26 1.69
N TYR B 267 23.25 -4.06 1.23
CA TYR B 267 22.21 -3.90 0.23
C TYR B 267 22.80 -3.80 -1.17
N HIS B 268 21.96 -3.96 -2.18
CA HIS B 268 22.38 -3.73 -3.56
C HIS B 268 22.17 -2.26 -3.90
N ALA B 269 23.06 -1.70 -4.70
CA ALA B 269 22.95 -0.28 -5.05
C ALA B 269 21.76 -0.01 -5.97
N LEU B 270 21.41 -1.00 -6.81
CA LEU B 270 20.29 -0.84 -7.74
C LEU B 270 18.96 -0.66 -7.04
N ASP B 271 18.86 -1.17 -5.81
CA ASP B 271 17.60 -1.15 -5.08
C ASP B 271 17.60 -0.20 -3.89
N SER B 272 18.79 0.11 -3.38
CA SER B 272 18.93 0.92 -2.16
C SER B 272 18.21 2.26 -2.26
N ASP B 273 17.95 2.69 -3.50
CA ASP B 273 17.08 3.83 -3.75
C ASP B 273 15.67 3.54 -3.25
N HIS B 274 15.07 2.48 -3.78
CA HIS B 274 13.72 2.07 -3.37
C HIS B 274 13.66 1.75 -1.88
N LEU B 275 14.76 1.21 -1.35
CA LEU B 275 14.84 0.85 0.06
C LEU B 275 14.87 2.08 0.95
N THR B 276 15.56 3.12 0.50
CA THR B 276 15.60 4.37 1.25
C THR B 276 14.27 5.10 1.14
N LYS B 277 13.59 4.95 0.00
CA LYS B 277 12.28 5.57 -0.15
C LYS B 277 11.29 4.90 0.81
N THR B 278 11.34 3.57 0.90
CA THR B 278 10.43 2.83 1.77
C THR B 278 10.86 2.95 3.23
N HIS B 279 12.10 3.40 3.45
CA HIS B 279 12.59 3.67 4.80
C HIS B 279 12.10 5.04 5.28
N HIS B 280 12.18 6.05 4.42
CA HIS B 280 11.59 7.35 4.72
C HIS B 280 10.11 7.15 4.98
N ASP B 281 9.51 6.23 4.22
CA ASP B 281 8.16 5.78 4.55
C ASP B 281 8.12 5.26 5.97
N MET B 282 8.88 4.20 6.23
CA MET B 282 8.97 3.58 7.57
C MET B 282 8.98 4.57 8.73
N PHE B 283 9.88 5.54 8.68
CA PHE B 283 9.98 6.53 9.74
C PHE B 283 8.76 7.46 9.73
N THR B 284 8.39 7.96 8.56
CA THR B 284 7.27 8.89 8.47
C THR B 284 5.94 8.23 8.75
N LYS B 285 5.80 6.98 8.30
CA LYS B 285 4.56 6.23 8.52
C LYS B 285 4.72 5.31 9.72
N GLY B 286 4.16 4.12 9.62
CA GLY B 286 4.23 3.15 10.71
C GLY B 286 4.99 1.90 10.29
N GLN B 287 4.34 1.04 9.51
CA GLN B 287 4.97 -0.19 9.01
C GLN B 287 5.29 -0.07 7.52
N VAL B 288 5.65 -1.20 6.91
CA VAL B 288 5.95 -1.22 5.47
C VAL B 288 6.06 -2.66 4.93
N THR B 289 5.87 -2.82 3.63
CA THR B 289 6.17 -4.07 2.94
C THR B 289 6.87 -3.74 1.62
N THR B 290 8.19 -3.86 1.59
CA THR B 290 9.00 -3.42 0.45
C THR B 290 8.78 -4.21 -0.83
N GLY B 291 9.61 -3.95 -1.82
CA GLY B 291 9.57 -4.67 -3.08
C GLY B 291 10.37 -5.95 -2.98
N GLN B 292 11.36 -6.09 -3.86
CA GLN B 292 12.18 -7.30 -3.88
C GLN B 292 13.66 -6.94 -3.93
N TYR B 293 14.28 -6.82 -2.76
CA TYR B 293 15.74 -6.72 -2.62
C TYR B 293 16.69 -7.65 -3.35
N ARG B 294 17.62 -7.21 -4.05
CA ARG B 294 18.77 -7.98 -4.45
C ARG B 294 19.97 -8.06 -3.50
N MET B 295 19.76 -8.58 -2.30
CA MET B 295 20.77 -8.49 -1.22
C MET B 295 21.97 -9.43 -1.39
N LEU B 296 23.15 -8.98 -0.96
CA LEU B 296 24.40 -9.73 -1.10
C LEU B 296 24.52 -10.93 -0.16
N ALA B 297 25.42 -11.84 -0.50
CA ALA B 297 25.78 -12.93 0.39
C ALA B 297 27.24 -12.81 0.77
N LYS B 298 27.77 -13.78 1.51
CA LYS B 298 29.15 -13.69 1.95
C LYS B 298 30.10 -13.97 0.79
N ARG B 299 29.85 -15.05 0.05
CA ARG B 299 30.65 -15.40 -1.12
C ARG B 299 29.88 -15.15 -2.41
N GLY B 300 28.56 -15.19 -2.32
CA GLY B 300 27.73 -15.14 -3.51
C GLY B 300 27.30 -13.75 -3.94
N GLY B 301 26.51 -13.71 -5.02
CA GLY B 301 26.02 -12.45 -5.56
C GLY B 301 24.80 -11.92 -4.83
N TYR B 302 23.66 -11.91 -5.52
CA TYR B 302 22.44 -11.32 -4.97
C TYR B 302 21.32 -12.34 -4.79
N VAL B 303 20.40 -12.04 -3.87
CA VAL B 303 19.20 -12.83 -3.66
C VAL B 303 17.96 -11.94 -3.59
N TRP B 304 16.86 -12.42 -4.16
CA TRP B 304 15.59 -11.71 -4.13
C TRP B 304 14.99 -11.79 -2.73
N VAL B 305 14.89 -10.65 -2.05
CA VAL B 305 14.45 -10.64 -0.64
C VAL B 305 13.23 -9.73 -0.40
N GLU B 306 12.30 -10.16 0.46
CA GLU B 306 11.16 -9.31 0.82
C GLU B 306 11.17 -9.09 2.32
N THR B 307 10.65 -7.96 2.78
CA THR B 307 10.71 -7.61 4.21
C THR B 307 9.49 -6.83 4.69
N GLN B 308 8.91 -7.28 5.79
CA GLN B 308 7.81 -6.57 6.42
C GLN B 308 8.27 -6.04 7.77
N ALA B 309 8.83 -4.83 7.77
CA ALA B 309 9.43 -4.24 8.97
C ALA B 309 8.42 -3.43 9.79
N THR B 310 8.81 -3.11 11.02
CA THR B 310 7.94 -2.40 11.95
C THR B 310 8.75 -1.41 12.79
N VAL B 311 8.07 -0.46 13.41
CA VAL B 311 8.71 0.48 14.33
C VAL B 311 8.31 0.21 15.77
N ILE B 312 9.30 0.15 16.66
CA ILE B 312 9.02 -0.03 18.09
C ILE B 312 8.97 1.29 18.81
N TYR B 313 7.79 1.64 19.31
CA TYR B 313 7.63 2.82 20.13
C TYR B 313 7.52 2.43 21.60
N ASN B 314 8.55 2.75 22.37
CA ASN B 314 8.54 2.53 23.80
C ASN B 314 7.29 3.17 24.40
N THR B 315 6.33 2.33 24.79
CA THR B 315 5.02 2.76 25.24
C THR B 315 5.07 3.86 26.31
N LYS B 316 6.17 3.90 27.06
CA LYS B 316 6.50 5.04 27.90
C LYS B 316 6.53 6.28 27.01
N ASN B 317 5.45 7.07 27.08
CA ASN B 317 5.21 8.23 26.22
C ASN B 317 5.50 8.00 24.72
N SER B 318 5.19 6.79 24.25
CA SER B 318 5.29 6.40 22.83
C SER B 318 6.54 6.96 22.13
N GLN B 319 7.70 6.50 22.58
CA GLN B 319 8.97 7.08 22.18
C GLN B 319 9.74 6.17 21.23
N PRO B 320 10.04 6.67 20.01
CA PRO B 320 10.75 5.94 18.95
C PRO B 320 12.03 5.29 19.46
N GLN B 321 12.02 3.96 19.59
CA GLN B 321 13.12 3.26 20.22
C GLN B 321 13.86 2.30 19.28
N CYS B 322 13.16 1.29 18.78
CA CYS B 322 13.82 0.19 18.06
C CYS B 322 13.15 -0.17 16.75
N ILE B 323 13.78 -1.08 16.01
CA ILE B 323 13.25 -1.54 14.72
C ILE B 323 13.27 -3.06 14.66
N VAL B 324 12.27 -3.67 14.03
CA VAL B 324 12.23 -5.12 13.82
C VAL B 324 11.73 -5.44 12.41
N CYS B 325 12.47 -6.30 11.72
CA CYS B 325 12.10 -6.67 10.36
C CYS B 325 11.77 -8.16 10.26
N VAL B 326 10.66 -8.46 9.60
CA VAL B 326 10.29 -9.83 9.27
C VAL B 326 10.68 -10.10 7.82
N ASN B 327 11.87 -10.66 7.62
CA ASN B 327 12.46 -10.75 6.29
C ASN B 327 12.20 -12.06 5.57
N TYR B 328 11.41 -12.00 4.49
CA TYR B 328 11.14 -13.16 3.63
C TYR B 328 12.30 -13.34 2.64
N VAL B 329 12.52 -14.56 2.17
CA VAL B 329 13.54 -14.81 1.15
C VAL B 329 12.91 -15.58 -0.01
N VAL B 330 13.28 -15.21 -1.24
CA VAL B 330 12.63 -15.77 -2.43
C VAL B 330 13.57 -16.58 -3.31
N SER B 331 14.66 -15.95 -3.74
CA SER B 331 15.59 -16.57 -4.68
C SER B 331 16.78 -17.22 -3.99
N GLY B 332 17.44 -18.12 -4.72
CA GLY B 332 18.67 -18.74 -4.25
C GLY B 332 19.87 -17.91 -4.66
N ILE B 333 20.99 -18.14 -3.99
CA ILE B 333 22.20 -17.32 -4.21
C ILE B 333 22.68 -17.41 -5.65
N ILE B 334 22.40 -16.36 -6.42
CA ILE B 334 22.75 -16.32 -7.83
C ILE B 334 24.21 -15.93 -8.03
N GLN B 335 24.88 -16.63 -8.95
CA GLN B 335 26.23 -16.30 -9.38
C GLN B 335 27.45 -16.38 -8.44
N HIS B 336 27.72 -17.59 -7.95
CA HIS B 336 28.79 -17.81 -6.97
C HIS B 336 30.18 -17.18 -7.17
N ASP B 337 30.66 -17.16 -8.41
CA ASP B 337 31.94 -16.55 -8.73
C ASP B 337 31.79 -15.45 -9.78
#